data_4R6Y
#
_entry.id   4R6Y
#
_cell.length_a   55.185
_cell.length_b   67.601
_cell.length_c   77.360
_cell.angle_alpha   90.00
_cell.angle_beta   90.00
_cell.angle_gamma   90.00
#
_symmetry.space_group_name_H-M   'P 21 21 21'
#
loop_
_entity.id
_entity.type
_entity.pdbx_description
1 polymer 'Putative 2-aminoethylphosphonate-binding periplasmic protein'
2 non-polymer GLYCEROL
3 non-polymer 'ACETATE ION'
4 water water
#
_entity_poly.entity_id   1
_entity_poly.type   'polypeptide(L)'
_entity_poly.pdbx_seq_one_letter_code
;SMESVVTVYSIDGLHDGDNSWYQVQFDAFTKATGITVRYVEGGGGVVVERLAKERTNPQADVLVTAPPFIQRAAAEKLLA
NFNTDTASAIPDANNLYSPLVKNYLSFIYNSKLLKTAPASWQDLLDGKFKNKLQYSTPGQAADGTAVMLQAFHSFGSKDA
GFAYLGKLQANNVGPSASTGKLTALVNKGEIYVANGDLQMNLAQMERNPNVKIFWPANDKGERSALAIPYVIGLVQGAPQ
SENGKKLINFLLSKEAQTRVSELSWGMPVRSDVTPSDEHYKAATAALEGVQSWQPNWDDVAVSLSADISRWHKVTESE
;
_entity_poly.pdbx_strand_id   A
#
loop_
_chem_comp.id
_chem_comp.type
_chem_comp.name
_chem_comp.formula
ACT non-polymer 'ACETATE ION' 'C2 H3 O2 -1'
GOL non-polymer GLYCEROL 'C3 H8 O3'
#
# COMPACT_ATOMS: atom_id res chain seq x y z
N SER A 1 18.00 -1.20 -36.42
CA SER A 1 17.87 -1.73 -35.05
C SER A 1 16.63 -1.14 -34.44
N MET A 2 16.32 -1.55 -33.19
CA MET A 2 15.30 -0.90 -32.39
C MET A 2 15.84 -0.63 -31.00
N GLU A 3 15.45 0.48 -30.42
CA GLU A 3 15.58 0.63 -28.97
C GLU A 3 14.50 -0.28 -28.36
N SER A 4 14.95 -1.27 -27.64
CA SER A 4 14.05 -2.25 -26.99
C SER A 4 13.42 -1.58 -25.77
N VAL A 5 12.14 -1.88 -25.53
CA VAL A 5 11.40 -1.21 -24.46
C VAL A 5 10.50 -2.20 -23.72
N VAL A 6 10.14 -1.79 -22.51
CA VAL A 6 9.10 -2.40 -21.72
C VAL A 6 8.39 -1.28 -21.00
N THR A 7 7.08 -1.38 -20.85
CA THR A 7 6.28 -0.28 -20.26
C THR A 7 5.62 -0.78 -18.98
N VAL A 8 5.87 -0.04 -17.90
CA VAL A 8 5.31 -0.29 -16.59
C VAL A 8 4.22 0.73 -16.31
N TYR A 9 3.03 0.26 -15.90
CA TYR A 9 2.02 1.12 -15.29
C TYR A 9 1.99 0.75 -13.80
N SER A 10 2.23 1.73 -12.91
CA SER A 10 2.28 1.41 -11.50
C SER A 10 1.53 2.41 -10.66
N ILE A 11 0.96 1.90 -9.57
CA ILE A 11 0.59 2.74 -8.44
C ILE A 11 1.85 3.48 -7.98
N ASP A 12 1.67 4.70 -7.51
CA ASP A 12 2.77 5.50 -6.96
C ASP A 12 3.34 4.88 -5.69
N GLY A 13 4.63 5.21 -5.44
CA GLY A 13 5.29 4.93 -4.20
C GLY A 13 6.66 4.32 -4.28
N LEU A 14 7.02 3.76 -5.45
CA LEU A 14 8.32 3.12 -5.65
C LEU A 14 9.23 3.86 -6.59
N HIS A 15 8.79 5.02 -7.08
CA HIS A 15 9.57 5.83 -8.02
C HIS A 15 9.73 7.24 -7.45
N ASP A 16 9.85 7.43 -6.17
CA ASP A 16 9.99 8.74 -5.62
C ASP A 16 11.44 9.14 -5.50
N GLY A 17 12.03 9.41 -6.66
CA GLY A 17 13.36 9.97 -6.72
C GLY A 17 14.34 9.21 -7.59
N ASP A 18 15.45 9.89 -7.83
CA ASP A 18 16.50 9.33 -8.62
C ASP A 18 17.09 8.06 -8.01
N ASN A 19 17.08 7.97 -6.70
CA ASN A 19 17.59 6.80 -5.93
C ASN A 19 16.47 5.93 -5.44
N SER A 20 15.27 6.05 -6.01
CA SER A 20 14.18 5.15 -5.64
C SER A 20 14.45 3.75 -6.13
N TRP A 21 13.68 2.79 -5.54
CA TRP A 21 13.87 1.40 -5.92
C TRP A 21 13.59 1.20 -7.41
N TYR A 22 12.48 1.74 -7.92
CA TYR A 22 12.22 1.59 -9.37
C TYR A 22 13.33 2.25 -10.18
N GLN A 23 13.75 3.49 -9.85
CA GLN A 23 14.77 4.10 -10.76
C GLN A 23 16.01 3.27 -10.80
N VAL A 24 16.48 2.86 -9.62
CA VAL A 24 17.70 2.08 -9.55
C VAL A 24 17.57 0.74 -10.26
N GLN A 25 16.47 0.04 -9.99
CA GLN A 25 16.28 -1.25 -10.63
C GLN A 25 16.05 -1.14 -12.13
N PHE A 26 15.30 -0.16 -12.55
CA PHE A 26 15.06 0.05 -14.01
C PHE A 26 16.42 0.34 -14.68
N ASP A 27 17.25 1.18 -14.05
CA ASP A 27 18.53 1.49 -14.65
C ASP A 27 19.39 0.24 -14.74
N ALA A 28 19.41 -0.58 -13.66
CA ALA A 28 20.18 -1.81 -13.69
C ALA A 28 19.67 -2.75 -14.77
N PHE A 29 18.34 -2.88 -14.87
CA PHE A 29 17.76 -3.77 -15.88
C PHE A 29 18.14 -3.33 -17.29
N THR A 30 18.07 -2.03 -17.55
CA THR A 30 18.46 -1.54 -18.85
C THR A 30 19.91 -1.77 -19.15
N LYS A 31 20.77 -1.54 -18.17
CA LYS A 31 22.17 -1.77 -18.42
C LYS A 31 22.41 -3.25 -18.76
N ALA A 32 21.77 -4.15 -18.06
CA ALA A 32 22.00 -5.55 -18.27
C ALA A 32 21.40 -6.12 -19.56
N THR A 33 20.27 -5.59 -19.96
CA THR A 33 19.50 -6.19 -21.03
C THR A 33 19.41 -5.39 -22.31
N GLY A 34 19.68 -4.09 -22.26
CA GLY A 34 19.41 -3.17 -23.36
C GLY A 34 17.98 -2.71 -23.48
N ILE A 35 17.09 -3.08 -22.54
CA ILE A 35 15.68 -2.76 -22.63
C ILE A 35 15.41 -1.51 -21.80
N THR A 36 14.98 -0.42 -22.44
CA THR A 36 14.59 0.79 -21.72
C THR A 36 13.27 0.54 -21.01
N VAL A 37 13.12 1.03 -19.78
CA VAL A 37 11.82 0.94 -19.06
C VAL A 37 11.10 2.27 -19.24
N ARG A 38 9.92 2.25 -19.86
CA ARG A 38 9.01 3.38 -19.90
C ARG A 38 8.05 3.26 -18.73
N TYR A 39 7.68 4.36 -18.13
CA TYR A 39 7.02 4.35 -16.84
C TYR A 39 5.84 5.31 -16.79
N VAL A 40 4.68 4.84 -16.32
CA VAL A 40 3.50 5.64 -16.08
C VAL A 40 3.09 5.32 -14.64
N GLU A 41 2.79 6.37 -13.87
CA GLU A 41 2.35 6.22 -12.53
C GLU A 41 1.02 6.87 -12.32
N GLY A 42 0.23 6.31 -11.44
CA GLY A 42 -1.06 6.90 -11.08
C GLY A 42 -1.65 6.21 -9.87
N GLY A 43 -2.87 6.55 -9.50
CA GLY A 43 -3.56 5.83 -8.45
C GLY A 43 -3.77 4.37 -8.78
N GLY A 44 -4.03 3.58 -7.73
CA GLY A 44 -4.10 2.16 -7.92
C GLY A 44 -5.22 1.68 -8.85
N GLY A 45 -6.35 2.39 -8.81
CA GLY A 45 -7.46 2.09 -9.68
C GLY A 45 -7.30 2.74 -11.06
N VAL A 46 -6.70 3.93 -11.03
CA VAL A 46 -6.46 4.71 -12.29
C VAL A 46 -5.67 3.90 -13.29
N VAL A 47 -4.61 3.24 -12.81
CA VAL A 47 -3.77 2.52 -13.76
C VAL A 47 -4.54 1.31 -14.37
N VAL A 48 -5.41 0.65 -13.56
CA VAL A 48 -6.19 -0.45 -14.08
C VAL A 48 -7.28 0.04 -15.03
N GLU A 49 -7.88 1.17 -14.72
CA GLU A 49 -8.83 1.74 -15.67
C GLU A 49 -8.19 2.07 -17.01
N ARG A 50 -6.94 2.55 -16.97
CA ARG A 50 -6.22 2.81 -18.23
C ARG A 50 -5.96 1.54 -19.02
N LEU A 51 -5.59 0.45 -18.35
CA LEU A 51 -5.43 -0.80 -19.05
C LEU A 51 -6.74 -1.16 -19.73
N ALA A 52 -7.86 -1.01 -19.03
CA ALA A 52 -9.15 -1.42 -19.61
C ALA A 52 -9.50 -0.52 -20.81
N LYS A 53 -9.20 0.77 -20.70
CA LYS A 53 -9.39 1.72 -21.83
CA LYS A 53 -9.45 1.70 -21.82
C LYS A 53 -8.59 1.33 -23.04
N GLU A 54 -7.39 0.79 -22.81
CA GLU A 54 -6.45 0.50 -23.86
C GLU A 54 -6.50 -0.94 -24.33
N ARG A 55 -7.48 -1.70 -23.88
CA ARG A 55 -7.44 -3.16 -24.04
C ARG A 55 -7.48 -3.67 -25.46
N THR A 56 -8.07 -2.91 -26.38
CA THR A 56 -8.09 -3.31 -27.78
C THR A 56 -6.72 -3.22 -28.43
N ASN A 57 -5.81 -2.46 -27.84
CA ASN A 57 -4.50 -2.29 -28.38
C ASN A 57 -3.55 -1.95 -27.19
N PRO A 58 -3.20 -2.96 -26.39
CA PRO A 58 -2.49 -2.65 -25.16
C PRO A 58 -1.17 -1.94 -25.37
N GLN A 59 -0.89 -1.02 -24.44
CA GLN A 59 0.33 -0.24 -24.42
C GLN A 59 1.29 -0.65 -23.30
N ALA A 60 0.76 -1.12 -22.16
CA ALA A 60 1.58 -1.51 -21.03
C ALA A 60 1.96 -2.98 -21.13
N ASP A 61 3.10 -3.33 -20.52
CA ASP A 61 3.52 -4.71 -20.41
C ASP A 61 3.42 -5.24 -19.00
N VAL A 62 3.64 -4.39 -18.00
CA VAL A 62 3.72 -4.79 -16.59
C VAL A 62 2.82 -3.86 -15.79
N LEU A 63 1.98 -4.44 -14.95
CA LEU A 63 1.16 -3.69 -14.02
C LEU A 63 1.68 -3.92 -12.60
N VAL A 64 1.76 -2.87 -11.85
CA VAL A 64 1.95 -2.95 -10.39
C VAL A 64 0.86 -2.12 -9.77
N THR A 65 0.05 -2.73 -8.88
CA THR A 65 -0.95 -1.93 -8.18
C THR A 65 -1.24 -2.64 -6.83
N ALA A 66 -2.11 -2.03 -6.03
CA ALA A 66 -2.44 -2.53 -4.71
C ALA A 66 -3.75 -3.28 -4.79
N PRO A 67 -4.08 -4.13 -3.79
CA PRO A 67 -5.45 -4.69 -3.71
C PRO A 67 -6.46 -3.58 -3.40
N PRO A 68 -7.71 -3.68 -3.88
CA PRO A 68 -8.27 -4.80 -4.66
C PRO A 68 -8.12 -4.55 -6.16
N PHE A 69 -7.29 -3.57 -6.55
CA PHE A 69 -7.17 -3.24 -7.93
C PHE A 69 -6.48 -4.32 -8.75
N ILE A 70 -5.51 -5.03 -8.17
CA ILE A 70 -4.87 -6.12 -8.88
C ILE A 70 -5.91 -7.23 -9.15
N GLN A 71 -6.81 -7.48 -8.18
CA GLN A 71 -7.84 -8.45 -8.34
C GLN A 71 -8.90 -8.03 -9.36
N ARG A 72 -9.15 -6.72 -9.45
CA ARG A 72 -10.03 -6.23 -10.51
C ARG A 72 -9.39 -6.46 -11.87
N ALA A 73 -8.07 -6.20 -11.99
CA ALA A 73 -7.40 -6.47 -13.24
C ALA A 73 -7.50 -7.92 -13.65
N ALA A 74 -7.36 -8.82 -12.68
CA ALA A 74 -7.46 -10.24 -12.97
C ALA A 74 -8.89 -10.57 -13.40
N ALA A 75 -9.88 -10.02 -12.70
CA ALA A 75 -11.30 -10.29 -13.03
C ALA A 75 -11.67 -9.81 -14.42
N GLU A 76 -11.08 -8.69 -14.83
CA GLU A 76 -11.32 -8.10 -16.14
C GLU A 76 -10.43 -8.68 -17.24
N LYS A 77 -9.72 -9.78 -16.93
CA LYS A 77 -8.91 -10.44 -17.93
C LYS A 77 -7.82 -9.54 -18.51
N LEU A 78 -7.29 -8.64 -17.70
CA LEU A 78 -6.25 -7.73 -18.12
C LEU A 78 -4.85 -8.26 -17.78
N LEU A 79 -4.74 -9.42 -17.11
CA LEU A 79 -3.48 -10.03 -16.77
C LEU A 79 -3.29 -11.32 -17.52
N ALA A 80 -2.07 -11.58 -17.91
CA ALA A 80 -1.70 -12.80 -18.62
C ALA A 80 -1.14 -13.85 -17.72
N ASN A 81 -1.40 -15.13 -18.01
CA ASN A 81 -0.78 -16.22 -17.34
C ASN A 81 0.74 -16.10 -17.45
N PHE A 82 1.45 -16.15 -16.31
CA PHE A 82 2.88 -16.13 -16.33
C PHE A 82 3.37 -16.69 -15.00
N ASN A 83 4.01 -17.86 -15.01
CA ASN A 83 4.62 -18.39 -13.81
C ASN A 83 6.04 -17.88 -13.70
N THR A 84 6.28 -17.05 -12.70
CA THR A 84 7.56 -16.41 -12.53
C THR A 84 8.62 -17.42 -12.12
N ASP A 85 9.88 -17.08 -12.34
CA ASP A 85 10.99 -17.93 -11.89
C ASP A 85 11.06 -17.97 -10.39
N THR A 86 10.87 -16.82 -9.75
CA THR A 86 11.10 -16.70 -8.32
C THR A 86 10.17 -17.57 -7.50
N ALA A 87 8.94 -17.68 -7.97
CA ALA A 87 7.75 -17.84 -7.15
C ALA A 87 8.02 -18.71 -5.92
N SER A 88 8.80 -19.77 -6.09
CA SER A 88 9.08 -20.65 -4.94
C SER A 88 9.53 -19.79 -3.76
N ALA A 89 10.26 -18.72 -4.04
CA ALA A 89 10.66 -17.78 -3.01
C ALA A 89 9.56 -16.81 -2.50
N ILE A 90 8.43 -16.75 -3.19
CA ILE A 90 7.41 -15.78 -2.80
C ILE A 90 6.06 -16.32 -2.45
N PRO A 91 5.68 -15.94 -1.25
CA PRO A 91 4.49 -16.26 -0.59
C PRO A 91 3.37 -15.63 -1.31
N ASP A 92 2.49 -16.52 -1.61
CA ASP A 92 1.19 -16.21 -2.03
C ASP A 92 1.18 -15.75 -3.53
N ALA A 93 2.24 -15.98 -4.25
CA ALA A 93 2.21 -15.73 -5.66
C ALA A 93 1.20 -16.67 -6.36
N ASN A 94 0.68 -16.26 -7.52
CA ASN A 94 -0.11 -17.14 -8.37
C ASN A 94 0.26 -16.83 -9.85
N ASN A 95 -0.38 -17.55 -10.79
CA ASN A 95 -0.02 -17.41 -12.17
C ASN A 95 -0.46 -16.12 -12.82
N LEU A 96 -1.27 -15.30 -12.13
CA LEU A 96 -1.67 -13.98 -12.65
C LEU A 96 -0.98 -12.80 -11.97
N TYR A 97 -0.60 -12.92 -10.71
CA TYR A 97 0.03 -11.84 -10.03
C TYR A 97 0.79 -12.33 -8.83
N SER A 98 1.78 -11.53 -8.39
CA SER A 98 2.61 -11.86 -7.26
CA SER A 98 2.61 -11.84 -7.24
C SER A 98 2.80 -10.62 -6.40
N PRO A 99 2.82 -10.77 -5.07
CA PRO A 99 3.29 -9.62 -4.26
C PRO A 99 4.69 -9.21 -4.71
N LEU A 100 4.95 -7.88 -4.63
CA LEU A 100 6.23 -7.30 -5.04
C LEU A 100 6.92 -6.63 -3.87
N VAL A 101 6.19 -5.78 -3.14
CA VAL A 101 6.75 -5.05 -1.98
C VAL A 101 5.66 -5.02 -0.95
N LYS A 102 5.95 -5.34 0.31
CA LYS A 102 4.92 -5.29 1.35
C LYS A 102 4.72 -3.90 1.86
N ASN A 103 3.50 -3.58 2.25
CA ASN A 103 3.15 -2.37 2.95
C ASN A 103 1.90 -2.63 3.79
N TYR A 104 1.60 -1.69 4.69
CA TYR A 104 0.51 -1.86 5.67
C TYR A 104 -0.16 -0.56 5.95
N LEU A 105 -1.44 -0.59 6.27
CA LEU A 105 -2.08 0.54 6.92
C LEU A 105 -1.33 0.83 8.23
N SER A 106 -1.21 2.09 8.60
CA SER A 106 -0.60 2.50 9.89
C SER A 106 -1.39 3.67 10.42
N PHE A 107 -1.14 4.00 11.70
CA PHE A 107 -1.61 5.20 12.32
C PHE A 107 -0.44 5.91 12.97
N ILE A 108 -0.67 7.21 13.26
CA ILE A 108 0.34 8.06 13.87
C ILE A 108 -0.30 8.89 14.98
N TYR A 109 0.55 9.22 15.98
CA TYR A 109 0.10 10.09 17.07
C TYR A 109 1.21 11.04 17.48
N ASN A 110 0.80 12.09 18.16
CA ASN A 110 1.73 13.09 18.67
C ASN A 110 2.22 12.64 20.06
N SER A 111 3.47 12.19 20.10
CA SER A 111 4.05 11.63 21.32
C SER A 111 4.59 12.65 22.28
N LYS A 112 4.71 13.88 21.85
CA LYS A 112 5.06 14.98 22.74
C LYS A 112 3.84 15.33 23.61
N LEU A 113 2.65 15.32 23.03
CA LEU A 113 1.45 15.77 23.71
C LEU A 113 0.76 14.63 24.40
N LEU A 114 0.81 13.42 23.83
CA LEU A 114 0.16 12.26 24.42
C LEU A 114 1.21 11.43 25.10
N LYS A 115 0.92 10.90 26.26
CA LYS A 115 2.07 10.36 27.02
C LYS A 115 2.43 8.97 26.56
N THR A 116 1.51 8.33 25.87
CA THR A 116 1.67 6.96 25.39
C THR A 116 0.73 6.85 24.18
N ALA A 117 0.95 5.87 23.32
CA ALA A 117 0.08 5.67 22.18
C ALA A 117 -1.31 5.38 22.68
N PRO A 118 -2.35 5.91 22.01
CA PRO A 118 -3.68 5.48 22.36
C PRO A 118 -3.75 3.95 22.30
N ALA A 119 -4.38 3.34 23.29
CA ALA A 119 -4.28 1.91 23.45
C ALA A 119 -5.26 1.16 22.54
N SER A 120 -6.44 1.73 22.40
CA SER A 120 -7.54 0.99 21.80
C SER A 120 -8.34 1.85 20.85
N TRP A 121 -9.14 1.19 20.01
CA TRP A 121 -10.09 1.94 19.19
C TRP A 121 -11.04 2.70 20.03
N GLN A 122 -11.45 2.15 21.16
CA GLN A 122 -12.35 2.84 22.09
C GLN A 122 -11.73 4.13 22.61
N ASP A 123 -10.44 4.14 22.91
CA ASP A 123 -9.79 5.35 23.41
C ASP A 123 -9.91 6.52 22.45
N LEU A 124 -9.98 6.22 21.14
CA LEU A 124 -10.09 7.31 20.14
C LEU A 124 -11.43 8.05 20.16
N LEU A 125 -12.44 7.42 20.85
CA LEU A 125 -13.69 8.08 21.02
C LEU A 125 -13.71 9.06 22.21
N ASP A 126 -12.64 9.07 23.01
CA ASP A 126 -12.58 9.99 24.14
C ASP A 126 -12.75 11.43 23.65
N GLY A 127 -13.47 12.25 24.42
CA GLY A 127 -13.68 13.64 24.06
C GLY A 127 -12.40 14.47 23.90
N LYS A 128 -11.30 14.05 24.49
CA LYS A 128 -10.05 14.80 24.21
C LYS A 128 -9.62 14.81 22.76
N PHE A 129 -10.13 13.87 21.96
CA PHE A 129 -9.84 13.83 20.54
C PHE A 129 -10.81 14.62 19.70
N LYS A 130 -11.76 15.35 20.30
CA LYS A 130 -12.73 16.07 19.50
C LYS A 130 -12.02 17.13 18.66
N ASN A 131 -12.15 17.04 17.35
CA ASN A 131 -11.51 17.93 16.43
C ASN A 131 -9.99 17.90 16.56
N LYS A 132 -9.49 16.78 17.08
CA LYS A 132 -8.07 16.56 17.30
C LYS A 132 -7.67 15.15 16.80
N LEU A 133 -8.41 14.66 15.81
CA LEU A 133 -8.15 13.39 15.16
C LEU A 133 -8.66 13.54 13.76
N GLN A 134 -7.94 12.93 12.80
CA GLN A 134 -8.45 12.99 11.45
C GLN A 134 -7.94 11.79 10.68
N TYR A 135 -8.81 11.17 9.86
CA TYR A 135 -8.35 10.22 8.90
C TYR A 135 -8.84 10.62 7.52
N SER A 136 -8.12 10.23 6.47
CA SER A 136 -8.47 10.59 5.13
C SER A 136 -9.69 9.82 4.61
N THR A 137 -10.25 10.34 3.51
CA THR A 137 -11.56 9.94 3.05
C THR A 137 -11.51 8.61 2.28
N PRO A 138 -12.26 7.60 2.76
CA PRO A 138 -12.38 6.37 2.00
C PRO A 138 -12.76 6.57 0.57
N GLY A 139 -12.11 5.85 -0.32
CA GLY A 139 -12.38 6.01 -1.76
C GLY A 139 -11.51 7.03 -2.43
N GLN A 140 -11.31 8.16 -1.81
CA GLN A 140 -10.48 9.20 -2.37
C GLN A 140 -9.01 9.01 -2.02
N ALA A 141 -8.76 8.63 -0.78
CA ALA A 141 -7.40 8.38 -0.29
C ALA A 141 -7.28 6.90 0.00
N ALA A 142 -6.30 6.25 -0.58
CA ALA A 142 -6.10 4.83 -0.41
C ALA A 142 -6.01 4.43 1.06
N ASP A 143 -5.29 5.21 1.86
CA ASP A 143 -5.14 4.84 3.26
C ASP A 143 -6.44 5.10 4.03
N GLY A 144 -7.31 5.99 3.55
CA GLY A 144 -8.65 6.13 4.09
C GLY A 144 -9.52 4.92 3.81
N THR A 145 -9.45 4.42 2.59
CA THR A 145 -10.14 3.15 2.26
C THR A 145 -9.66 2.06 3.23
N ALA A 146 -8.36 2.01 3.48
CA ALA A 146 -7.81 1.00 4.36
C ALA A 146 -8.37 1.12 5.79
N VAL A 147 -8.54 2.33 6.30
CA VAL A 147 -9.12 2.52 7.63
C VAL A 147 -10.53 1.89 7.65
N MET A 148 -11.37 2.14 6.62
CA MET A 148 -12.68 1.55 6.61
C MET A 148 -12.63 0.04 6.68
N LEU A 149 -11.80 -0.57 5.84
CA LEU A 149 -11.65 -2.03 5.87
C LEU A 149 -11.15 -2.55 7.17
N GLN A 150 -10.20 -1.82 7.77
CA GLN A 150 -9.70 -2.15 9.08
C GLN A 150 -10.78 -2.13 10.17
N ALA A 151 -11.65 -1.11 10.10
CA ALA A 151 -12.75 -1.06 11.09
C ALA A 151 -13.60 -2.30 10.98
N PHE A 152 -13.94 -2.73 9.77
CA PHE A 152 -14.76 -3.95 9.65
C PHE A 152 -14.08 -5.11 10.35
N HIS A 153 -12.76 -5.25 10.14
CA HIS A 153 -12.01 -6.38 10.69
C HIS A 153 -11.91 -6.28 12.19
N SER A 154 -11.54 -5.13 12.71
CA SER A 154 -11.32 -4.97 14.10
C SER A 154 -12.59 -5.14 14.92
N PHE A 155 -13.74 -4.77 14.35
CA PHE A 155 -15.01 -4.88 15.07
C PHE A 155 -15.83 -6.09 14.71
N GLY A 156 -15.31 -6.93 13.80
CA GLY A 156 -15.96 -8.22 13.50
C GLY A 156 -17.09 -8.24 12.48
N SER A 157 -17.52 -7.12 11.96
CA SER A 157 -18.53 -7.08 10.94
C SER A 157 -18.63 -5.71 10.30
N LYS A 158 -19.16 -5.59 9.12
CA LYS A 158 -19.34 -4.31 8.52
C LYS A 158 -20.25 -3.41 9.34
N ASP A 159 -21.39 -3.96 9.80
CA ASP A 159 -22.31 -3.16 10.62
C ASP A 159 -21.58 -2.61 11.83
N ALA A 160 -20.79 -3.43 12.53
CA ALA A 160 -20.14 -2.98 13.74
C ALA A 160 -19.06 -2.02 13.45
N GLY A 161 -18.32 -2.16 12.28
CA GLY A 161 -17.23 -1.25 11.97
C GLY A 161 -17.83 0.06 11.57
N PHE A 162 -18.89 0.06 10.78
CA PHE A 162 -19.58 1.31 10.43
C PHE A 162 -20.12 2.01 11.67
N ALA A 163 -20.72 1.27 12.60
CA ALA A 163 -21.20 1.88 13.85
C ALA A 163 -20.05 2.59 14.58
N TYR A 164 -18.89 1.96 14.67
CA TYR A 164 -17.75 2.56 15.29
C TYR A 164 -17.33 3.87 14.52
N LEU A 165 -17.24 3.79 13.20
CA LEU A 165 -16.82 4.95 12.45
C LEU A 165 -17.85 6.06 12.58
N GLY A 166 -19.13 5.73 12.70
CA GLY A 166 -20.15 6.77 12.97
C GLY A 166 -19.88 7.48 14.30
N LYS A 167 -19.54 6.73 15.34
CA LYS A 167 -19.14 7.32 16.62
C LYS A 167 -17.86 8.15 16.51
N LEU A 168 -16.87 7.64 15.78
CA LEU A 168 -15.61 8.33 15.63
C LEU A 168 -15.81 9.66 14.89
N GLN A 169 -16.84 9.77 14.09
CA GLN A 169 -17.07 10.99 13.36
C GLN A 169 -17.32 12.18 14.30
N ALA A 170 -17.76 11.95 15.53
CA ALA A 170 -17.93 13.03 16.49
C ALA A 170 -16.58 13.73 16.71
N ASN A 171 -15.49 13.01 16.61
CA ASN A 171 -14.16 13.55 16.82
C ASN A 171 -13.42 13.91 15.54
N ASN A 172 -13.65 13.16 14.46
CA ASN A 172 -12.93 13.35 13.18
C ASN A 172 -13.08 14.75 12.66
N VAL A 173 -11.96 15.41 12.37
CA VAL A 173 -12.04 16.81 11.93
C VAL A 173 -12.89 16.96 10.69
N GLY A 174 -12.77 16.02 9.77
CA GLY A 174 -13.48 16.12 8.47
C GLY A 174 -12.72 15.38 7.40
N PRO A 175 -13.14 15.52 6.17
CA PRO A 175 -12.56 14.76 5.05
C PRO A 175 -11.16 15.23 4.71
N SER A 176 -10.41 14.36 4.06
CA SER A 176 -9.10 14.73 3.50
C SER A 176 -8.89 13.89 2.27
N ALA A 177 -8.58 14.54 1.15
CA ALA A 177 -8.44 13.84 -0.11
C ALA A 177 -7.18 12.99 -0.18
N SER A 178 -6.19 13.27 0.67
CA SER A 178 -4.98 12.52 0.71
C SER A 178 -4.52 12.42 2.14
N THR A 179 -3.59 11.50 2.41
CA THR A 179 -3.20 11.19 3.77
C THR A 179 -1.90 11.81 4.20
N GLY A 180 -0.92 11.94 3.29
CA GLY A 180 0.40 12.33 3.73
C GLY A 180 0.51 13.66 4.41
N LYS A 181 -0.33 14.62 3.98
CA LYS A 181 -0.33 15.93 4.61
C LYS A 181 -0.79 15.89 6.05
N LEU A 182 -1.46 14.82 6.47
CA LEU A 182 -1.89 14.75 7.87
C LEU A 182 -0.76 14.64 8.84
N THR A 183 0.39 14.08 8.43
CA THR A 183 1.48 13.82 9.35
C THR A 183 1.96 15.14 9.96
N ALA A 184 2.17 16.17 9.13
CA ALA A 184 2.63 17.47 9.66
C ALA A 184 1.60 18.07 10.61
N LEU A 185 0.33 17.83 10.38
CA LEU A 185 -0.70 18.31 11.32
C LEU A 185 -0.58 17.62 12.68
N VAL A 186 -0.32 16.31 12.66
CA VAL A 186 -0.05 15.64 13.91
C VAL A 186 1.20 16.19 14.58
N ASN A 187 2.26 16.41 13.79
CA ASN A 187 3.49 16.91 14.34
C ASN A 187 3.33 18.28 15.05
N LYS A 188 2.48 19.14 14.51
CA LYS A 188 2.19 20.49 15.05
C LYS A 188 1.14 20.42 16.18
N GLY A 189 0.51 19.26 16.39
CA GLY A 189 -0.53 19.13 17.38
C GLY A 189 -1.84 19.73 16.93
N GLU A 190 -1.97 20.11 15.67
CA GLU A 190 -3.26 20.54 15.21
C GLU A 190 -4.31 19.43 15.37
N ILE A 191 -3.85 18.21 15.11
CA ILE A 191 -4.52 16.97 15.48
C ILE A 191 -3.54 16.12 16.25
N TYR A 192 -4.04 15.14 17.02
CA TYR A 192 -3.18 14.28 17.81
C TYR A 192 -2.98 12.87 17.21
N VAL A 193 -3.88 12.47 16.30
CA VAL A 193 -3.92 11.12 15.72
C VAL A 193 -4.35 11.24 14.29
N ALA A 194 -3.74 10.45 13.42
CA ALA A 194 -4.18 10.33 12.00
C ALA A 194 -3.89 8.92 11.51
N ASN A 195 -4.44 8.60 10.33
CA ASN A 195 -4.04 7.40 9.62
C ASN A 195 -2.79 7.66 8.77
N GLY A 196 -2.41 6.65 8.02
CA GLY A 196 -1.14 6.62 7.29
C GLY A 196 -0.96 5.31 6.61
N ASP A 197 0.23 5.12 6.03
CA ASP A 197 0.67 3.77 5.69
C ASP A 197 2.09 3.64 6.08
N LEU A 198 2.58 2.40 6.31
CA LEU A 198 3.83 2.21 7.02
C LEU A 198 5.01 2.77 6.24
N GLN A 199 5.12 2.42 4.95
CA GLN A 199 6.21 2.96 4.13
C GLN A 199 6.27 4.46 4.22
N MET A 200 5.13 5.10 3.98
CA MET A 200 5.11 6.57 3.97
CA MET A 200 5.08 6.55 3.98
C MET A 200 5.53 7.15 5.32
N ASN A 201 4.91 6.61 6.39
CA ASN A 201 5.16 7.17 7.69
C ASN A 201 6.57 6.92 8.14
N LEU A 202 7.15 5.75 7.88
CA LEU A 202 8.54 5.55 8.31
C LEU A 202 9.42 6.64 7.74
N ALA A 203 9.24 6.95 6.47
CA ALA A 203 10.08 7.96 5.78
C ALA A 203 9.82 9.36 6.32
N GLN A 204 8.62 9.62 6.86
CA GLN A 204 8.30 10.93 7.39
C GLN A 204 8.85 11.17 8.82
N MET A 205 9.22 10.14 9.53
CA MET A 205 9.53 10.33 10.96
C MET A 205 10.66 11.28 11.21
N GLU A 206 11.68 11.26 10.39
CA GLU A 206 12.85 12.09 10.66
C GLU A 206 12.48 13.56 10.79
N ARG A 207 11.60 14.05 9.91
CA ARG A 207 11.23 15.46 9.89
C ARG A 207 9.96 15.80 10.68
N ASN A 208 9.43 14.79 11.36
CA ASN A 208 8.26 14.90 12.20
C ASN A 208 8.55 14.34 13.56
N PRO A 209 9.44 15.03 14.31
CA PRO A 209 9.98 14.43 15.52
C PRO A 209 9.00 14.28 16.67
N ASN A 210 7.84 14.96 16.56
CA ASN A 210 6.81 14.82 17.59
C ASN A 210 5.86 13.68 17.28
N VAL A 211 6.13 12.85 16.27
CA VAL A 211 5.14 11.85 15.82
C VAL A 211 5.72 10.47 16.07
N LYS A 212 4.85 9.52 16.40
CA LYS A 212 5.24 8.11 16.40
C LYS A 212 4.13 7.32 15.73
N ILE A 213 4.52 6.14 15.18
CA ILE A 213 3.61 5.18 14.54
C ILE A 213 2.98 4.30 15.57
N PHE A 214 1.71 3.95 15.41
CA PHE A 214 1.04 3.01 16.32
C PHE A 214 -0.13 2.38 15.61
N TRP A 215 -0.69 1.36 16.29
CA TRP A 215 -1.97 0.78 15.89
C TRP A 215 -2.84 0.64 17.16
N PRO A 216 -4.09 0.99 17.09
CA PRO A 216 -5.00 0.68 18.21
C PRO A 216 -5.31 -0.80 18.31
N ALA A 217 -5.54 -1.27 19.53
CA ALA A 217 -6.05 -2.61 19.81
C ALA A 217 -7.55 -2.67 19.85
N ASN A 218 -8.11 -3.82 19.46
CA ASN A 218 -9.52 -4.03 19.58
C ASN A 218 -9.88 -4.58 20.96
N ASP A 219 -11.15 -4.94 21.13
CA ASP A 219 -11.59 -5.31 22.46
C ASP A 219 -11.06 -6.68 22.90
N LYS A 220 -10.41 -7.47 21.99
CA LYS A 220 -9.71 -8.66 22.36
C LYS A 220 -8.26 -8.44 22.58
N GLY A 221 -7.83 -7.19 22.56
CA GLY A 221 -6.46 -6.86 22.82
C GLY A 221 -5.57 -7.02 21.60
N GLU A 222 -6.12 -7.24 20.42
CA GLU A 222 -5.30 -7.44 19.24
CA GLU A 222 -5.32 -7.48 19.23
C GLU A 222 -5.08 -6.18 18.44
N ARG A 223 -3.81 -5.91 18.13
CA ARG A 223 -3.42 -4.87 17.17
C ARG A 223 -3.15 -5.56 15.86
N SER A 224 -3.89 -5.16 14.83
CA SER A 224 -3.73 -5.69 13.49
C SER A 224 -3.59 -4.59 12.48
N ALA A 225 -2.98 -4.92 11.36
CA ALA A 225 -2.68 -3.97 10.32
C ALA A 225 -3.03 -4.61 8.96
N LEU A 226 -3.87 -3.93 8.21
CA LEU A 226 -4.25 -4.41 6.88
C LEU A 226 -3.03 -4.44 5.98
N ALA A 227 -2.76 -5.55 5.33
CA ALA A 227 -1.70 -5.70 4.36
C ALA A 227 -2.17 -5.16 3.05
N ILE A 228 -1.42 -4.15 2.53
CA ILE A 228 -1.69 -3.44 1.28
C ILE A 228 -0.45 -3.48 0.42
N PRO A 229 0.00 -4.66 0.00
CA PRO A 229 1.21 -4.73 -0.81
C PRO A 229 1.07 -4.10 -2.18
N TYR A 230 2.22 -3.76 -2.76
CA TYR A 230 2.34 -3.63 -4.20
C TYR A 230 2.36 -5.02 -4.80
N VAL A 231 1.62 -5.22 -5.90
CA VAL A 231 1.42 -6.54 -6.49
C VAL A 231 1.63 -6.40 -8.02
N ILE A 232 2.40 -7.33 -8.60
CA ILE A 232 2.84 -7.21 -9.98
C ILE A 232 2.22 -8.32 -10.85
N GLY A 233 1.95 -7.98 -12.10
CA GLY A 233 1.52 -8.96 -13.10
C GLY A 233 1.88 -8.54 -14.48
N LEU A 234 1.80 -9.48 -15.41
CA LEU A 234 2.04 -9.29 -16.83
C LEU A 234 0.74 -8.91 -17.49
N VAL A 235 0.76 -7.90 -18.38
CA VAL A 235 -0.48 -7.43 -19.01
C VAL A 235 -0.87 -8.32 -20.15
N GLN A 236 -2.15 -8.67 -20.19
CA GLN A 236 -2.72 -9.44 -21.30
C GLN A 236 -2.65 -8.66 -22.61
N GLY A 237 -2.11 -9.28 -23.65
CA GLY A 237 -1.97 -8.57 -24.92
C GLY A 237 -0.87 -7.56 -24.93
N ALA A 238 0.04 -7.59 -23.97
CA ALA A 238 1.17 -6.68 -23.93
C ALA A 238 1.87 -6.62 -25.28
N PRO A 239 2.39 -5.46 -25.67
CA PRO A 239 3.17 -5.36 -26.92
C PRO A 239 4.58 -5.87 -26.76
N GLN A 240 5.06 -5.96 -25.52
CA GLN A 240 6.43 -6.39 -25.24
C GLN A 240 6.39 -7.43 -24.12
N SER A 241 5.62 -8.51 -24.33
CA SER A 241 5.43 -9.52 -23.27
C SER A 241 6.72 -10.18 -22.85
N GLU A 242 7.62 -10.45 -23.77
CA GLU A 242 8.88 -11.11 -23.41
C GLU A 242 9.70 -10.21 -22.52
N ASN A 243 9.77 -8.92 -22.86
CA ASN A 243 10.52 -8.00 -22.02
C ASN A 243 9.80 -7.83 -20.68
N GLY A 244 8.46 -7.83 -20.68
CA GLY A 244 7.73 -7.77 -19.45
C GLY A 244 8.04 -8.91 -18.52
N LYS A 245 8.12 -10.14 -19.04
CA LYS A 245 8.47 -11.28 -18.24
C LYS A 245 9.86 -11.12 -17.61
N LYS A 246 10.82 -10.66 -18.41
CA LYS A 246 12.14 -10.42 -17.92
CA LYS A 246 12.14 -10.42 -17.92
C LYS A 246 12.12 -9.43 -16.78
N LEU A 247 11.40 -8.32 -16.94
CA LEU A 247 11.39 -7.31 -15.90
C LEU A 247 10.74 -7.84 -14.66
N ILE A 248 9.63 -8.54 -14.76
CA ILE A 248 8.97 -9.10 -13.59
C ILE A 248 9.91 -9.99 -12.81
N ASN A 249 10.53 -10.95 -13.53
CA ASN A 249 11.47 -11.83 -12.85
C ASN A 249 12.60 -11.06 -12.21
N PHE A 250 13.08 -9.99 -12.87
CA PHE A 250 14.15 -9.21 -12.29
C PHE A 250 13.73 -8.51 -11.00
N LEU A 251 12.56 -7.88 -11.01
CA LEU A 251 12.10 -7.15 -9.80
C LEU A 251 11.79 -8.06 -8.62
N LEU A 252 11.49 -9.32 -8.93
CA LEU A 252 11.23 -10.34 -7.91
C LEU A 252 12.54 -11.08 -7.55
N SER A 253 13.67 -10.78 -8.15
CA SER A 253 14.90 -11.52 -7.88
C SER A 253 15.44 -11.13 -6.50
N LYS A 254 16.30 -12.04 -5.97
CA LYS A 254 16.97 -11.75 -4.73
C LYS A 254 17.75 -10.46 -4.85
N GLU A 255 18.48 -10.31 -5.96
CA GLU A 255 19.23 -9.17 -6.15
C GLU A 255 18.44 -7.82 -6.01
N ALA A 256 17.33 -7.70 -6.69
CA ALA A 256 16.51 -6.49 -6.62
C ALA A 256 15.88 -6.35 -5.22
N GLN A 257 15.36 -7.48 -4.69
CA GLN A 257 14.62 -7.44 -3.45
C GLN A 257 15.45 -7.01 -2.25
N THR A 258 16.77 -7.28 -2.31
CA THR A 258 17.68 -6.88 -1.23
CA THR A 258 17.64 -6.88 -1.19
C THR A 258 17.67 -5.40 -1.01
N ARG A 259 17.32 -4.58 -1.99
CA ARG A 259 17.36 -3.12 -1.86
C ARG A 259 16.03 -2.43 -1.69
N VAL A 260 14.93 -3.20 -1.63
CA VAL A 260 13.62 -2.60 -1.47
C VAL A 260 13.55 -1.66 -0.26
N SER A 261 13.95 -2.17 0.93
CA SER A 261 13.88 -1.35 2.14
CA SER A 261 13.84 -1.32 2.13
C SER A 261 14.80 -0.13 2.06
N GLU A 262 16.04 -0.41 1.63
CA GLU A 262 17.05 0.64 1.53
C GLU A 262 16.57 1.81 0.69
N LEU A 263 15.98 1.52 -0.47
CA LEU A 263 15.71 2.54 -1.46
C LEU A 263 14.30 3.11 -1.38
N SER A 264 13.35 2.36 -0.87
N SER A 264 13.34 2.40 -0.87
CA SER A 264 11.92 2.72 -0.87
CA SER A 264 12.01 2.98 -0.90
C SER A 264 11.24 2.79 0.46
C SER A 264 11.23 2.78 0.43
N TRP A 265 11.88 2.26 1.50
CA TRP A 265 11.22 2.09 2.81
C TRP A 265 10.12 1.05 2.82
N GLY A 266 9.98 0.27 1.75
CA GLY A 266 9.08 -0.86 1.81
C GLY A 266 9.72 -2.07 2.37
N MET A 267 9.05 -3.21 2.34
CA MET A 267 9.64 -4.48 2.81
CA MET A 267 9.64 -4.48 2.82
C MET A 267 9.63 -5.49 1.67
N PRO A 268 10.71 -6.30 1.59
CA PRO A 268 10.76 -7.25 0.50
C PRO A 268 9.75 -8.39 0.69
N VAL A 269 9.34 -8.98 -0.41
CA VAL A 269 8.43 -10.11 -0.36
C VAL A 269 9.16 -11.41 -0.32
N ARG A 270 10.44 -11.45 -0.68
CA ARG A 270 11.23 -12.71 -0.63
C ARG A 270 11.72 -12.92 0.76
N SER A 271 11.68 -14.18 1.18
N SER A 271 11.66 -14.15 1.21
CA SER A 271 12.19 -14.50 2.51
CA SER A 271 12.16 -14.51 2.54
C SER A 271 13.68 -14.76 2.62
C SER A 271 13.68 -14.70 2.64
N ASP A 272 14.30 -14.88 1.49
CA ASP A 272 15.69 -15.23 1.41
C ASP A 272 16.63 -14.04 1.24
N VAL A 273 16.12 -12.82 1.44
CA VAL A 273 16.92 -11.60 1.46
C VAL A 273 17.16 -11.20 2.89
N THR A 274 18.29 -10.58 3.15
CA THR A 274 18.57 -9.99 4.46
C THR A 274 18.87 -8.50 4.31
N PRO A 275 17.86 -7.63 4.51
CA PRO A 275 18.12 -6.21 4.36
C PRO A 275 19.27 -5.77 5.26
N SER A 276 20.12 -4.87 4.78
CA SER A 276 21.25 -4.37 5.56
C SER A 276 21.11 -2.95 6.02
N ASP A 277 19.97 -2.36 5.81
CA ASP A 277 19.71 -0.94 5.95
C ASP A 277 18.98 -0.59 7.28
N GLU A 278 19.02 0.67 7.66
CA GLU A 278 18.35 1.09 8.89
C GLU A 278 16.84 1.25 8.69
N HIS A 279 16.38 1.45 7.43
CA HIS A 279 14.94 1.54 7.24
C HIS A 279 14.21 0.28 7.67
N TYR A 280 14.80 -0.85 7.32
CA TYR A 280 14.20 -2.13 7.68
C TYR A 280 14.09 -2.31 9.16
N LYS A 281 15.13 -1.85 9.91
CA LYS A 281 15.03 -1.92 11.38
C LYS A 281 13.87 -1.17 11.95
N ALA A 282 13.60 -0.01 11.37
CA ALA A 282 12.48 0.79 11.80
C ALA A 282 11.16 0.07 11.49
N ALA A 283 11.07 -0.54 10.29
CA ALA A 283 9.86 -1.26 9.89
C ALA A 283 9.58 -2.41 10.84
N THR A 284 10.62 -3.20 11.10
CA THR A 284 10.50 -4.36 12.00
C THR A 284 10.07 -3.92 13.38
N ALA A 285 10.69 -2.85 13.88
CA ALA A 285 10.31 -2.34 15.22
C ALA A 285 8.87 -1.95 15.25
N ALA A 286 8.40 -1.25 14.25
CA ALA A 286 7.01 -0.76 14.25
C ALA A 286 6.05 -1.95 14.25
N LEU A 287 6.37 -2.99 13.51
CA LEU A 287 5.43 -4.09 13.37
C LEU A 287 5.46 -5.13 14.45
N GLU A 288 6.36 -4.96 15.43
CA GLU A 288 6.49 -5.98 16.50
C GLU A 288 5.18 -6.13 17.23
N GLY A 289 4.65 -7.36 17.26
CA GLY A 289 3.40 -7.57 17.94
C GLY A 289 2.13 -7.10 17.23
N VAL A 290 2.23 -6.71 15.97
CA VAL A 290 1.10 -6.31 15.18
C VAL A 290 0.84 -7.45 14.25
N GLN A 291 -0.43 -7.86 14.14
CA GLN A 291 -0.82 -8.96 13.25
C GLN A 291 -1.21 -8.46 11.87
N SER A 292 -0.53 -8.93 10.84
CA SER A 292 -0.97 -8.65 9.45
C SER A 292 -2.25 -9.37 9.22
N TRP A 293 -3.12 -8.79 8.43
CA TRP A 293 -4.33 -9.48 7.99
C TRP A 293 -4.73 -8.98 6.62
N GLN A 294 -5.58 -9.74 5.96
CA GLN A 294 -6.17 -9.26 4.73
C GLN A 294 -7.54 -9.91 4.52
N PRO A 295 -8.46 -9.24 3.84
CA PRO A 295 -9.75 -9.80 3.47
C PRO A 295 -9.59 -10.67 2.22
N ASN A 296 -10.70 -11.25 1.76
CA ASN A 296 -10.75 -11.81 0.43
C ASN A 296 -10.89 -10.67 -0.56
N TRP A 297 -9.81 -10.36 -1.27
CA TRP A 297 -9.76 -9.23 -2.13
C TRP A 297 -10.63 -9.35 -3.38
N ASP A 298 -10.93 -10.58 -3.83
CA ASP A 298 -11.85 -10.75 -4.95
C ASP A 298 -13.22 -10.26 -4.49
N ASP A 299 -13.62 -10.59 -3.24
CA ASP A 299 -14.86 -10.14 -2.69
C ASP A 299 -14.86 -8.66 -2.45
N VAL A 300 -13.76 -8.10 -1.93
CA VAL A 300 -13.70 -6.66 -1.72
C VAL A 300 -13.78 -5.92 -3.05
N ALA A 301 -13.17 -6.45 -4.10
CA ALA A 301 -13.25 -5.74 -5.43
C ALA A 301 -14.72 -5.50 -5.77
N VAL A 302 -15.60 -6.46 -5.48
CA VAL A 302 -16.99 -6.32 -5.81
C VAL A 302 -17.76 -5.40 -4.89
N SER A 303 -17.46 -5.43 -3.59
CA SER A 303 -18.25 -4.70 -2.61
C SER A 303 -17.72 -3.31 -2.26
N LEU A 304 -16.50 -2.97 -2.72
CA LEU A 304 -15.89 -1.75 -2.23
C LEU A 304 -16.70 -0.49 -2.51
N SER A 305 -17.22 -0.31 -3.73
CA SER A 305 -17.93 0.90 -4.07
C SER A 305 -19.16 1.10 -3.19
N ALA A 306 -19.91 0.05 -2.95
CA ALA A 306 -21.05 0.12 -2.05
C ALA A 306 -20.66 0.49 -0.65
N ASP A 307 -19.56 -0.11 -0.18
CA ASP A 307 -19.09 0.19 1.16
C ASP A 307 -18.67 1.68 1.27
N ILE A 308 -17.95 2.19 0.29
CA ILE A 308 -17.59 3.62 0.32
C ILE A 308 -18.85 4.47 0.34
N SER A 309 -19.85 4.17 -0.48
CA SER A 309 -21.12 4.92 -0.42
C SER A 309 -21.72 4.89 0.95
N ARG A 310 -21.69 3.76 1.60
CA ARG A 310 -22.21 3.63 2.92
C ARG A 310 -21.41 4.43 3.94
N TRP A 311 -20.09 4.48 3.79
CA TRP A 311 -19.28 5.30 4.65
C TRP A 311 -19.75 6.74 4.61
N HIS A 312 -19.99 7.28 3.42
CA HIS A 312 -20.47 8.62 3.30
C HIS A 312 -21.77 8.77 4.02
N LYS A 313 -22.70 7.83 3.86
CA LYS A 313 -24.02 7.93 4.47
C LYS A 313 -23.90 7.93 5.98
N VAL A 314 -23.08 7.04 6.50
CA VAL A 314 -22.94 6.86 7.92
C VAL A 314 -22.31 8.11 8.56
N THR A 315 -21.23 8.60 7.97
CA THR A 315 -20.50 9.68 8.61
C THR A 315 -21.20 11.05 8.40
N GLU A 316 -21.82 11.24 7.24
CA GLU A 316 -22.34 12.56 6.90
C GLU A 316 -23.65 12.81 7.59
N SER A 317 -24.24 11.74 8.13
CA SER A 317 -25.60 11.81 8.63
C SER A 317 -25.50 12.03 10.13
C1 GOL B . 0.68 0.22 -1.71
O1 GOL B . -0.48 -0.16 -1.05
C2 GOL B . 0.57 1.79 -1.76
O2 GOL B . 0.86 2.27 -0.38
C3 GOL B . 1.33 2.40 -2.79
O3 GOL B . 1.17 3.77 -2.81
C ACT C . -3.04 8.21 0.58
O ACT C . -3.82 7.61 1.33
OXT ACT C . -3.04 9.53 0.36
CH3 ACT C . -2.12 7.29 -0.15
#